data_3NN0
#
_entry.id   3NN0
#
_cell.length_a   164.823
_cell.length_b   164.823
_cell.length_c   164.823
_cell.angle_alpha   90.00
_cell.angle_beta   90.00
_cell.angle_gamma   90.00
#
_symmetry.space_group_name_H-M   'P 4 3 2'
#
loop_
_entity.id
_entity.type
_entity.pdbx_description
1 polymer '6-hydroxy-L-nicotine oxidase'
2 non-polymer NICOTINAMIDE
3 non-polymer 'FLAVIN-ADENINE DINUCLEOTIDE'
4 non-polymer '(1R)-2-{[(S)-(2-aminoethoxy)(hydroxy)phosphoryl]oxy}-1-[(pentadecanoyloxy)methyl]ethyl (12E)-hexadeca-9,12-dienoate'
5 water water
#
_entity_poly.entity_id   1
_entity_poly.type   'polypeptide(L)'
_entity_poly.pdbx_seq_one_letter_code
;MYDAIVVGGGFSGLKAARDLTNAGKKVLLLEGGERLGGRAYSRESRNVPGLRVEIGGAYLHRKHHPRLAAELDRYGIPTA
AASEFTSFRHRLGPTAVDQAFPIPGSEAVAVEAATYTLLRDAHRIDLEKGLENQDLEDLDIPLNEYVDKLDLPPVSRQFL
LAWAWNMLGQPADQASALWMLQLVAAHHYSILGVVLSLDEVFSNGSADLVDAMSQEIPEIRLQTVVTGIDQSGDVVNVTV
KDGHAFQAHSVIVATPMNTWRRIVFTPALPERRRSVIEEGHGGQGLKILIHVRGAEAGIECVGDGIFPTLYDYCEVSESE
RLLVAFTDSGSFDPTDIGAVKDAVLYYLPEVEVLGIDYHDWIADPLFEGPWVAPRVGQFSRVHKELGEPAGRIHFVGSDV
SLEFPGYIEGALETAECAVNAILHSHHHHHH
;
_entity_poly.pdbx_strand_id   X
#
loop_
_chem_comp.id
_chem_comp.type
_chem_comp.name
_chem_comp.formula
FAD non-polymer 'FLAVIN-ADENINE DINUCLEOTIDE' 'C27 H33 N9 O15 P2'
GP7 non-polymer '(1R)-2-{[(S)-(2-aminoethoxy)(hydroxy)phosphoryl]oxy}-1-[(pentadecanoyloxy)methyl]ethyl (12E)-hexadeca-9,12-dienoate' 'C36 H68 N O8 P'
NCA non-polymer NICOTINAMIDE 'C6 H6 N2 O'
#
# COMPACT_ATOMS: atom_id res chain seq x y z
N MET A 1 9.87 -15.65 -29.03
CA MET A 1 9.77 -16.03 -27.60
C MET A 1 10.96 -15.48 -26.77
N TYR A 2 10.75 -15.41 -25.44
CA TYR A 2 11.59 -14.64 -24.51
C TYR A 2 12.00 -15.50 -23.38
N ASP A 3 13.08 -15.12 -22.70
CA ASP A 3 13.44 -15.81 -21.47
C ASP A 3 12.36 -15.58 -20.44
N ALA A 4 11.88 -14.35 -20.33
CA ALA A 4 10.85 -14.03 -19.33
C ALA A 4 9.84 -13.05 -19.87
N ILE A 5 8.61 -13.23 -19.42
CA ILE A 5 7.59 -12.22 -19.60
C ILE A 5 7.25 -11.71 -18.22
N VAL A 6 7.37 -10.40 -18.09
CA VAL A 6 6.94 -9.74 -16.87
C VAL A 6 5.59 -9.11 -17.12
N VAL A 7 4.60 -9.55 -16.37
CA VAL A 7 3.25 -9.06 -16.53
C VAL A 7 2.93 -8.04 -15.44
N GLY A 8 2.74 -6.80 -15.85
CA GLY A 8 2.51 -5.68 -14.89
C GLY A 8 3.75 -4.77 -14.75
N GLY A 9 3.53 -3.47 -14.87
CA GLY A 9 4.62 -2.53 -14.80
C GLY A 9 4.56 -1.53 -13.66
N GLY A 10 4.02 -1.94 -12.51
CA GLY A 10 4.36 -1.27 -11.26
C GLY A 10 5.82 -1.50 -10.90
N PHE A 11 6.23 -1.05 -9.72
CA PHE A 11 7.61 -1.19 -9.28
C PHE A 11 8.10 -2.61 -9.24
N SER A 12 7.24 -3.54 -8.90
CA SER A 12 7.68 -4.91 -8.82
C SER A 12 8.15 -5.38 -10.22
N GLY A 13 7.29 -5.15 -11.22
CA GLY A 13 7.53 -5.64 -12.58
C GLY A 13 8.75 -5.00 -13.22
N LEU A 14 8.90 -3.72 -12.89
CA LEU A 14 9.92 -2.88 -13.43
C LEU A 14 11.28 -3.31 -12.92
N LYS A 15 11.37 -3.68 -11.64
CA LYS A 15 12.66 -4.10 -11.12
C LYS A 15 13.05 -5.42 -11.74
N ALA A 16 12.08 -6.33 -11.83
CA ALA A 16 12.34 -7.68 -12.27
C ALA A 16 12.81 -7.61 -13.71
N ALA A 17 12.04 -6.87 -14.49
CA ALA A 17 12.30 -6.79 -15.92
C ALA A 17 13.64 -6.17 -16.14
N ARG A 18 13.97 -5.17 -15.34
CA ARG A 18 15.28 -4.55 -15.43
C ARG A 18 16.41 -5.49 -14.97
N ASP A 19 16.17 -6.27 -13.94
CA ASP A 19 17.29 -6.98 -13.37
C ASP A 19 17.59 -8.18 -14.22
N LEU A 20 16.53 -8.85 -14.68
CA LEU A 20 16.72 -9.91 -15.62
C LEU A 20 17.46 -9.43 -16.86
N THR A 21 17.02 -8.29 -17.42
CA THR A 21 17.69 -7.73 -18.59
C THR A 21 19.17 -7.47 -18.33
N ASN A 22 19.49 -6.91 -17.18
CA ASN A 22 20.85 -6.55 -16.95
C ASN A 22 21.69 -7.80 -16.74
N ALA A 23 21.00 -8.90 -16.42
CA ALA A 23 21.63 -10.17 -16.17
C ALA A 23 21.77 -10.90 -17.49
N GLY A 24 21.33 -10.24 -18.57
CA GLY A 24 21.44 -10.75 -19.91
C GLY A 24 20.27 -11.58 -20.42
N LYS A 25 19.08 -11.47 -19.84
CA LYS A 25 17.98 -12.28 -20.32
C LYS A 25 17.23 -11.50 -21.35
N LYS A 26 16.47 -12.20 -22.18
CA LYS A 26 15.67 -11.55 -23.20
C LYS A 26 14.27 -11.43 -22.60
N VAL A 27 13.91 -10.22 -22.22
CA VAL A 27 12.76 -9.99 -21.36
C VAL A 27 11.73 -9.12 -22.09
N LEU A 28 10.47 -9.49 -21.99
CA LEU A 28 9.39 -8.63 -22.44
C LEU A 28 8.51 -8.15 -21.29
N LEU A 29 8.14 -6.87 -21.25
CA LEU A 29 7.33 -6.38 -20.15
C LEU A 29 6.00 -5.94 -20.68
N LEU A 30 4.95 -6.56 -20.15
CA LEU A 30 3.60 -6.32 -20.53
C LEU A 30 2.77 -5.52 -19.52
N GLU A 31 2.26 -4.37 -19.93
CA GLU A 31 1.54 -3.49 -19.06
C GLU A 31 0.18 -3.19 -19.63
N GLY A 32 -0.86 -3.49 -18.86
CA GLY A 32 -2.25 -3.37 -19.29
C GLY A 32 -2.71 -1.96 -19.52
N GLY A 33 -2.06 -1.00 -18.88
CA GLY A 33 -2.60 0.33 -18.87
C GLY A 33 -1.85 1.21 -19.82
N GLU A 34 -2.05 2.52 -19.72
CA GLU A 34 -1.39 3.45 -20.59
C GLU A 34 -0.28 4.22 -19.91
N ARG A 35 0.10 3.76 -18.71
CA ARG A 35 1.22 4.41 -17.98
C ARG A 35 1.93 3.32 -17.19
N LEU A 36 3.14 3.63 -16.76
CA LEU A 36 3.85 2.71 -15.88
C LEU A 36 3.84 3.26 -14.46
N GLY A 37 4.02 2.37 -13.48
CA GLY A 37 4.03 2.78 -12.05
C GLY A 37 2.98 2.11 -11.16
N GLY A 38 1.86 1.71 -11.76
CA GLY A 38 0.81 1.03 -11.01
C GLY A 38 0.22 1.91 -9.92
N ARG A 39 0.20 1.33 -8.71
CA ARG A 39 -0.32 2.00 -7.49
C ARG A 39 0.57 3.17 -7.02
N ALA A 40 1.64 3.44 -7.79
CA ALA A 40 2.46 4.62 -7.63
C ALA A 40 2.12 5.59 -8.77
N TYR A 41 1.09 6.42 -8.56
CA TYR A 41 0.45 7.22 -9.61
C TYR A 41 0.68 8.67 -9.26
N SER A 42 1.50 9.35 -10.02
CA SER A 42 1.63 10.79 -9.87
C SER A 42 1.20 11.53 -11.12
N ARG A 43 0.13 12.32 -11.00
CA ARG A 43 -0.42 13.05 -12.12
C ARG A 43 -0.71 14.46 -11.69
N GLU A 44 -1.43 15.19 -12.51
CA GLU A 44 -1.76 16.56 -12.18
C GLU A 44 -3.11 16.65 -11.50
N SER A 45 -3.22 17.61 -10.59
CA SER A 45 -4.34 17.71 -9.71
C SER A 45 -5.60 17.89 -10.54
N ARG A 46 -6.70 17.22 -10.15
CA ARG A 46 -7.97 17.55 -10.77
C ARG A 46 -8.56 18.88 -10.31
N ASN A 47 -7.89 19.54 -9.37
CA ASN A 47 -8.47 20.67 -8.69
C ASN A 47 -7.67 21.89 -9.04
N VAL A 48 -6.36 21.69 -9.08
CA VAL A 48 -5.40 22.78 -9.22
C VAL A 48 -4.64 22.63 -10.55
N PRO A 49 -5.12 23.33 -11.61
CA PRO A 49 -4.45 23.29 -12.91
C PRO A 49 -2.96 23.53 -12.75
N GLY A 50 -2.16 22.61 -13.30
CA GLY A 50 -0.73 22.75 -13.32
C GLY A 50 0.00 22.19 -12.12
N LEU A 51 -0.70 21.57 -11.17
CA LEU A 51 -0.04 21.10 -9.94
C LEU A 51 0.09 19.57 -9.91
N ARG A 52 1.28 19.10 -9.57
CA ARG A 52 1.49 17.67 -9.57
C ARG A 52 1.27 17.03 -8.21
N VAL A 53 0.35 16.08 -8.15
CA VAL A 53 0.03 15.40 -6.92
C VAL A 53 0.37 13.91 -6.98
N GLU A 54 0.84 13.34 -5.88
CA GLU A 54 0.85 11.89 -5.70
C GLU A 54 -0.53 11.26 -5.34
N ILE A 55 -1.13 10.48 -6.23
CA ILE A 55 -2.45 9.94 -5.93
C ILE A 55 -2.43 8.57 -5.23
N GLY A 56 -1.24 8.01 -5.12
CA GLY A 56 -1.09 6.69 -4.55
C GLY A 56 0.09 6.76 -3.61
N GLY A 57 1.05 5.86 -3.77
CA GLY A 57 2.05 5.65 -2.76
C GLY A 57 3.21 6.61 -2.83
N ALA A 58 3.39 7.39 -1.78
CA ALA A 58 4.37 8.47 -1.79
C ALA A 58 5.52 8.38 -0.86
N TYR A 59 5.33 7.90 0.35
CA TYR A 59 6.32 7.98 1.38
C TYR A 59 7.36 6.89 1.45
N LEU A 60 8.50 7.21 2.03
CA LEU A 60 9.51 6.22 2.29
C LEU A 60 10.29 6.54 3.55
N HIS A 61 11.00 5.56 4.06
CA HIS A 61 11.88 5.75 5.18
C HIS A 61 13.10 4.88 5.01
N ARG A 62 14.25 5.49 4.83
CA ARG A 62 15.42 4.79 4.41
C ARG A 62 15.82 3.63 5.30
N LYS A 63 15.64 3.76 6.60
CA LYS A 63 16.19 2.72 7.47
C LYS A 63 15.33 1.50 7.35
N HIS A 64 14.10 1.69 6.92
CA HIS A 64 13.19 0.58 6.83
C HIS A 64 13.09 0.06 5.41
N HIS A 65 13.55 0.87 4.46
CA HIS A 65 13.39 0.61 3.03
C HIS A 65 14.71 0.70 2.33
N PRO A 66 15.64 -0.21 2.63
CA PRO A 66 16.97 -0.13 2.01
C PRO A 66 16.94 -0.34 0.50
N ARG A 67 15.94 -1.09 0.02
CA ARG A 67 15.94 -1.38 -1.38
C ARG A 67 15.55 -0.13 -2.09
N LEU A 68 14.40 0.43 -1.72
CA LEU A 68 14.06 1.77 -2.16
C LEU A 68 15.22 2.77 -2.01
N ALA A 69 15.88 2.82 -0.86
CA ALA A 69 16.97 3.78 -0.78
C ALA A 69 18.03 3.51 -1.87
N ALA A 70 18.31 2.25 -2.17
CA ALA A 70 19.33 1.97 -3.19
C ALA A 70 18.84 2.47 -4.57
N GLU A 71 17.57 2.18 -4.90
CA GLU A 71 17.05 2.70 -6.14
C GLU A 71 17.25 4.24 -6.16
N LEU A 72 16.83 4.96 -5.13
CA LEU A 72 17.01 6.37 -5.21
C LEU A 72 18.48 6.75 -5.37
N ASP A 73 19.36 6.03 -4.69
CA ASP A 73 20.78 6.41 -4.78
C ASP A 73 21.41 6.11 -6.13
N ARG A 74 21.04 4.96 -6.71
CA ARG A 74 21.45 4.57 -8.06
C ARG A 74 21.14 5.63 -9.11
N TYR A 75 19.90 6.05 -9.18
CA TYR A 75 19.53 7.07 -10.14
C TYR A 75 19.61 8.55 -9.71
N GLY A 76 20.22 8.84 -8.55
CA GLY A 76 20.32 10.20 -8.02
C GLY A 76 18.98 10.93 -7.89
N ILE A 77 17.94 10.20 -7.48
CA ILE A 77 16.62 10.79 -7.36
C ILE A 77 16.49 11.59 -6.07
N PRO A 78 16.09 12.87 -6.18
CA PRO A 78 16.00 13.66 -4.96
C PRO A 78 14.76 13.33 -4.17
N THR A 79 14.98 13.21 -2.87
CA THR A 79 13.91 13.13 -1.91
C THR A 79 14.02 14.33 -0.99
N ALA A 80 12.86 14.80 -0.54
CA ALA A 80 12.75 15.82 0.49
C ALA A 80 12.05 15.19 1.69
N ALA A 81 12.55 15.51 2.89
CA ALA A 81 11.86 15.18 4.15
C ALA A 81 10.43 15.78 4.19
N ALA A 82 9.40 14.93 4.41
CA ALA A 82 7.96 15.28 4.27
C ALA A 82 7.48 16.43 5.18
N SER A 83 6.54 17.23 4.67
CA SER A 83 5.91 18.36 5.41
C SER A 83 5.86 18.13 6.96
N GLU A 84 6.57 18.97 7.72
CA GLU A 84 6.47 18.91 9.19
C GLU A 84 5.12 19.43 9.72
N PHE A 85 4.74 18.95 10.90
CA PHE A 85 3.48 19.33 11.51
C PHE A 85 3.72 20.31 12.65
N THR A 86 3.34 21.56 12.45
CA THR A 86 3.41 22.57 13.47
C THR A 86 2.09 22.78 14.25
N SER A 87 1.01 22.12 13.86
CA SER A 87 -0.29 22.48 14.42
C SER A 87 -1.24 21.30 14.63
N PHE A 88 -1.72 21.10 15.85
CA PHE A 88 -2.50 19.89 16.09
C PHE A 88 -3.95 20.16 16.42
N ARG A 89 -4.85 19.46 15.72
CA ARG A 89 -6.28 19.67 15.91
C ARG A 89 -7.01 18.34 16.02
N HIS A 90 -6.65 17.58 17.02
CA HIS A 90 -7.29 16.31 17.27
C HIS A 90 -8.69 16.40 17.79
N ARG A 91 -9.40 15.32 17.50
CA ARG A 91 -10.67 15.01 18.05
C ARG A 91 -10.55 13.75 18.91
N LEU A 92 -9.85 13.87 20.05
CA LEU A 92 -9.62 12.73 20.96
C LEU A 92 -10.17 13.00 22.33
N GLY A 93 -11.11 13.94 22.47
CA GLY A 93 -11.80 14.16 23.74
C GLY A 93 -11.03 15.20 24.53
N PRO A 94 -11.62 15.62 25.64
CA PRO A 94 -11.08 16.80 26.28
C PRO A 94 -9.77 16.64 27.01
N THR A 95 -9.36 15.41 27.33
CA THR A 95 -8.13 15.16 28.08
C THR A 95 -6.89 15.03 27.21
N ALA A 96 -7.11 14.86 25.91
CA ALA A 96 -6.00 14.78 24.97
C ALA A 96 -5.29 16.11 24.85
N VAL A 97 -4.07 16.05 24.33
CA VAL A 97 -3.22 17.21 24.29
C VAL A 97 -2.76 17.49 22.88
N ASP A 98 -2.76 18.76 22.50
CA ASP A 98 -2.54 19.10 21.11
C ASP A 98 -1.06 19.08 20.80
N GLN A 99 -0.53 17.87 20.65
CA GLN A 99 0.77 17.70 20.03
C GLN A 99 0.83 16.39 19.29
N ALA A 100 1.91 16.18 18.58
CA ALA A 100 2.05 15.00 17.73
C ALA A 100 1.75 13.71 18.46
N PHE A 101 2.15 13.65 19.74
CA PHE A 101 1.86 12.49 20.55
C PHE A 101 0.90 12.91 21.63
N PRO A 102 -0.38 12.64 21.42
CA PRO A 102 -1.35 13.38 22.23
C PRO A 102 -1.80 12.67 23.48
N ILE A 103 -1.30 11.46 23.74
CA ILE A 103 -1.62 10.78 25.00
C ILE A 103 -1.21 11.67 26.22
N PRO A 104 -2.14 11.88 27.17
CA PRO A 104 -1.76 12.60 28.38
C PRO A 104 -1.20 11.66 29.45
N GLY A 105 -0.41 12.24 30.40
CA GLY A 105 0.21 11.49 31.49
C GLY A 105 -0.82 10.65 32.20
N SER A 106 -2.04 11.12 32.27
CA SER A 106 -2.95 10.35 33.05
C SER A 106 -3.10 8.97 32.44
N GLU A 107 -2.66 8.79 31.20
CA GLU A 107 -2.87 7.53 30.51
C GLU A 107 -1.62 6.68 30.38
N ALA A 108 -0.54 7.14 31.00
CA ALA A 108 0.79 6.63 30.70
C ALA A 108 0.96 5.21 31.14
N VAL A 109 0.39 4.88 32.29
CA VAL A 109 0.58 3.56 32.87
C VAL A 109 -0.16 2.56 32.03
N ALA A 110 -1.30 2.95 31.49
CA ALA A 110 -2.04 2.10 30.55
C ALA A 110 -1.31 1.93 29.21
N VAL A 111 -0.68 2.99 28.73
CA VAL A 111 0.05 2.90 27.48
C VAL A 111 1.24 1.96 27.59
N GLU A 112 1.97 2.11 28.69
CA GLU A 112 3.07 1.22 29.05
C GLU A 112 2.57 -0.22 28.98
N ALA A 113 1.40 -0.51 29.54
CA ALA A 113 1.04 -1.94 29.64
C ALA A 113 0.65 -2.47 28.28
N ALA A 114 -0.07 -1.64 27.52
CA ALA A 114 -0.46 -2.02 26.17
C ALA A 114 0.76 -2.11 25.23
N THR A 115 1.71 -1.21 25.38
CA THR A 115 2.91 -1.35 24.64
C THR A 115 3.54 -2.76 24.85
N TYR A 116 3.54 -3.28 26.07
CA TYR A 116 4.10 -4.62 26.29
C TYR A 116 3.23 -5.66 25.56
N THR A 117 1.93 -5.63 25.72
CA THR A 117 1.08 -6.57 25.02
C THR A 117 1.17 -6.51 23.49
N LEU A 118 1.07 -5.32 22.93
CA LEU A 118 1.20 -5.17 21.48
C LEU A 118 2.51 -5.74 21.06
N LEU A 119 3.61 -5.39 21.75
CA LEU A 119 4.92 -5.88 21.27
C LEU A 119 5.18 -7.37 21.53
N ARG A 120 4.66 -7.90 22.63
CA ARG A 120 4.73 -9.32 22.82
C ARG A 120 4.00 -10.02 21.66
N ASP A 121 2.81 -9.55 21.33
CA ASP A 121 2.08 -10.24 20.30
C ASP A 121 2.84 -10.12 18.99
N ALA A 122 3.29 -8.94 18.65
CA ALA A 122 4.05 -8.85 17.45
C ALA A 122 5.31 -9.70 17.51
N HIS A 123 5.90 -9.92 18.67
CA HIS A 123 7.13 -10.71 18.63
C HIS A 123 6.84 -12.14 18.29
N ARG A 124 5.57 -12.55 18.45
CA ARG A 124 5.14 -13.86 17.96
C ARG A 124 5.44 -14.08 16.46
N ILE A 125 5.32 -13.03 15.64
CA ILE A 125 5.35 -13.20 14.20
C ILE A 125 6.79 -13.25 13.78
N ASP A 126 7.18 -14.25 13.01
CA ASP A 126 8.53 -14.30 12.43
C ASP A 126 8.31 -14.01 10.98
N LEU A 127 8.91 -12.92 10.50
CA LEU A 127 8.56 -12.39 9.21
C LEU A 127 8.95 -13.22 7.97
N GLU A 128 9.67 -14.34 8.12
CA GLU A 128 10.05 -15.19 6.99
C GLU A 128 9.19 -16.40 6.75
N LYS A 129 8.38 -16.77 7.72
CA LYS A 129 7.58 -18.00 7.65
C LYS A 129 6.18 -17.94 7.05
N GLY A 130 5.58 -16.77 6.93
CA GLY A 130 4.22 -16.67 6.43
C GLY A 130 3.25 -16.70 7.57
N LEU A 131 2.21 -15.89 7.49
CA LEU A 131 1.29 -15.75 8.58
C LEU A 131 0.41 -16.96 8.82
N GLU A 132 0.34 -17.87 7.86
CA GLU A 132 -0.42 -19.12 8.03
C GLU A 132 0.40 -20.24 8.75
N ASN A 133 1.71 -20.07 8.90
CA ASN A 133 2.61 -21.14 9.43
C ASN A 133 3.21 -21.01 10.84
N GLN A 134 2.49 -20.36 11.75
CA GLN A 134 3.06 -19.97 13.05
C GLN A 134 2.05 -20.04 14.20
N ASP A 135 0.89 -20.67 13.95
CA ASP A 135 -0.12 -20.87 14.98
C ASP A 135 -0.60 -19.55 15.49
N LEU A 136 -1.00 -18.68 14.57
CA LEU A 136 -1.32 -17.29 14.90
C LEU A 136 -2.80 -16.97 14.80
N GLU A 137 -3.62 -17.99 14.58
CA GLU A 137 -5.07 -17.85 14.47
C GLU A 137 -5.69 -17.09 15.61
N ASP A 138 -5.18 -17.27 16.85
CA ASP A 138 -5.81 -16.58 18.00
C ASP A 138 -5.72 -15.08 17.84
N LEU A 139 -4.78 -14.65 16.98
CA LEU A 139 -4.67 -13.24 16.63
C LEU A 139 -5.52 -12.80 15.46
N ASP A 140 -5.94 -13.73 14.62
CA ASP A 140 -6.57 -13.39 13.36
C ASP A 140 -8.04 -13.10 13.60
N ILE A 141 -8.31 -12.09 14.41
CA ILE A 141 -9.66 -11.71 14.74
C ILE A 141 -9.87 -10.26 14.45
N PRO A 142 -11.10 -9.79 14.54
CA PRO A 142 -11.41 -8.40 14.23
C PRO A 142 -10.68 -7.48 15.18
N LEU A 143 -10.21 -6.36 14.66
CA LEU A 143 -9.34 -5.48 15.41
C LEU A 143 -10.10 -4.80 16.53
N ASN A 144 -11.39 -4.57 16.32
CA ASN A 144 -12.16 -3.90 17.32
C ASN A 144 -12.18 -4.72 18.61
N GLU A 145 -12.31 -6.06 18.48
CA GLU A 145 -12.28 -6.97 19.62
C GLU A 145 -10.94 -7.05 20.27
N TYR A 146 -9.87 -6.97 19.47
CA TYR A 146 -8.50 -7.04 20.00
C TYR A 146 -8.27 -5.82 20.88
N VAL A 147 -8.57 -4.67 20.30
CA VAL A 147 -8.39 -3.42 20.99
C VAL A 147 -9.30 -3.31 22.21
N ASP A 148 -10.51 -3.88 22.15
CA ASP A 148 -11.35 -4.02 23.34
C ASP A 148 -10.72 -4.88 24.42
N LYS A 149 -9.97 -5.94 24.07
CA LYS A 149 -9.32 -6.72 25.14
C LYS A 149 -8.22 -5.93 25.82
N LEU A 150 -7.58 -4.99 25.12
CA LEU A 150 -6.48 -4.20 25.68
C LEU A 150 -6.96 -3.22 26.73
N ASP A 151 -8.26 -2.90 26.64
CA ASP A 151 -8.96 -2.04 27.59
C ASP A 151 -8.26 -0.69 27.78
N LEU A 152 -8.10 0.10 26.71
CA LEU A 152 -7.34 1.36 26.77
C LEU A 152 -8.23 2.55 27.14
N PRO A 153 -7.70 3.51 27.88
CA PRO A 153 -8.48 4.69 28.19
C PRO A 153 -8.68 5.58 26.91
N PRO A 154 -9.60 6.55 26.97
CA PRO A 154 -10.09 7.16 25.74
C PRO A 154 -9.04 7.63 24.73
N VAL A 155 -8.08 8.45 25.12
CA VAL A 155 -7.23 9.06 24.11
C VAL A 155 -6.42 8.07 23.32
N SER A 156 -5.81 7.10 23.99
CA SER A 156 -4.93 6.14 23.33
C SER A 156 -5.70 5.06 22.63
N ARG A 157 -6.84 4.67 23.18
CA ARG A 157 -7.73 3.79 22.46
C ARG A 157 -8.04 4.33 21.09
N GLN A 158 -8.30 5.61 21.01
CA GLN A 158 -8.82 6.19 19.80
C GLN A 158 -7.70 6.65 18.89
N PHE A 159 -6.58 7.00 19.49
CA PHE A 159 -5.36 7.28 18.74
C PHE A 159 -4.87 6.06 18.01
N LEU A 160 -4.92 4.91 18.66
CA LEU A 160 -4.46 3.68 18.06
C LEU A 160 -5.40 3.27 16.95
N LEU A 161 -6.68 3.50 17.17
CA LEU A 161 -7.72 3.04 16.25
C LEU A 161 -7.71 3.87 15.00
N ALA A 162 -7.42 5.15 15.16
CA ALA A 162 -7.49 6.09 14.08
C ALA A 162 -6.35 5.89 13.11
N TRP A 163 -5.23 5.42 13.62
CA TRP A 163 -4.05 5.28 12.81
C TRP A 163 -4.04 3.89 12.21
N ALA A 164 -4.65 2.96 12.92
CA ALA A 164 -4.90 1.64 12.38
C ALA A 164 -5.94 1.70 11.29
N TRP A 165 -6.87 2.63 11.40
CA TRP A 165 -7.83 2.82 10.29
C TRP A 165 -7.12 3.40 9.01
N ASN A 166 -6.29 4.41 9.20
CA ASN A 166 -5.53 5.04 8.15
C ASN A 166 -4.61 4.01 7.49
N MET A 167 -3.84 3.28 8.26
CA MET A 167 -2.79 2.43 7.70
C MET A 167 -3.33 1.16 7.07
N LEU A 168 -4.35 0.58 7.67
CA LEU A 168 -4.90 -0.67 7.12
C LEU A 168 -5.91 -0.41 6.01
N GLY A 169 -6.50 0.76 6.01
CA GLY A 169 -7.58 1.05 5.09
C GLY A 169 -8.82 0.20 5.31
N GLN A 170 -9.14 -0.08 6.58
CA GLN A 170 -10.36 -0.81 6.94
C GLN A 170 -10.89 -0.26 8.24
N PRO A 171 -12.22 -0.27 8.39
CA PRO A 171 -12.75 0.07 9.70
C PRO A 171 -12.38 -1.00 10.68
N ALA A 172 -12.41 -0.66 11.96
CA ALA A 172 -11.91 -1.57 13.00
C ALA A 172 -12.49 -2.95 12.93
N ASP A 173 -13.77 -3.08 12.66
CA ASP A 173 -14.39 -4.42 12.66
C ASP A 173 -14.12 -5.26 11.44
N GLN A 174 -13.55 -4.67 10.41
CA GLN A 174 -13.14 -5.48 9.24
C GLN A 174 -11.66 -5.83 9.18
N ALA A 175 -10.86 -5.18 10.02
CA ALA A 175 -9.42 -5.30 9.97
C ALA A 175 -8.98 -6.48 10.82
N SER A 176 -7.97 -7.20 10.38
CA SER A 176 -7.40 -8.25 11.19
C SER A 176 -6.44 -7.68 12.21
N ALA A 177 -6.62 -8.08 13.47
CA ALA A 177 -5.74 -7.62 14.52
C ALA A 177 -4.36 -8.18 14.29
N LEU A 178 -4.30 -9.27 13.56
CA LEU A 178 -3.05 -9.92 13.29
C LEU A 178 -2.34 -9.23 12.15
N TRP A 179 -3.09 -8.57 11.29
CA TRP A 179 -2.43 -7.85 10.24
C TRP A 179 -1.81 -6.58 10.81
N MET A 180 -2.53 -5.94 11.77
CA MET A 180 -2.12 -4.73 12.45
C MET A 180 -0.81 -5.13 13.05
N LEU A 181 -0.76 -6.30 13.69
CA LEU A 181 0.53 -6.76 14.27
C LEU A 181 1.62 -7.06 13.23
N GLN A 182 1.20 -7.45 12.01
CA GLN A 182 2.17 -7.77 10.98
C GLN A 182 2.88 -6.50 10.62
N LEU A 183 2.13 -5.38 10.53
CA LEU A 183 2.75 -4.09 10.31
C LEU A 183 3.68 -3.69 11.43
N VAL A 184 3.29 -3.90 12.68
CA VAL A 184 4.19 -3.60 13.78
C VAL A 184 5.51 -4.37 13.63
N ALA A 185 5.41 -5.68 13.34
CA ALA A 185 6.65 -6.45 13.08
C ALA A 185 7.45 -5.92 11.86
N ALA A 186 6.77 -5.53 10.78
CA ALA A 186 7.49 -5.09 9.60
C ALA A 186 8.43 -3.92 9.89
N HIS A 187 8.03 -3.12 10.87
CA HIS A 187 8.76 -1.91 11.18
C HIS A 187 9.65 -2.15 12.35
N HIS A 188 10.28 -3.31 12.40
CA HIS A 188 11.29 -3.58 13.41
C HIS A 188 10.66 -3.70 14.78
N TYR A 189 9.46 -4.27 14.80
CA TYR A 189 8.75 -4.50 16.03
C TYR A 189 8.55 -3.19 16.73
N SER A 190 8.01 -2.22 15.99
CA SER A 190 7.67 -0.96 16.53
C SER A 190 6.26 -0.49 16.14
N ILE A 191 5.47 -0.09 17.13
CA ILE A 191 4.19 0.56 16.90
C ILE A 191 4.45 1.93 16.40
N LEU A 192 5.24 2.70 17.12
CA LEU A 192 5.57 4.04 16.67
C LEU A 192 6.05 4.01 15.22
N GLY A 193 6.84 3.02 14.83
CA GLY A 193 7.47 3.11 13.51
C GLY A 193 6.48 3.05 12.37
N VAL A 194 5.31 2.45 12.64
CA VAL A 194 4.31 2.32 11.61
C VAL A 194 3.90 3.73 11.13
N VAL A 195 3.83 4.68 12.06
CA VAL A 195 3.53 6.08 11.71
C VAL A 195 4.76 6.90 11.38
N LEU A 196 5.89 6.64 12.02
CA LEU A 196 7.09 7.41 11.72
C LEU A 196 7.77 7.08 10.37
N SER A 197 7.25 6.09 9.63
CA SER A 197 7.85 5.79 8.32
C SER A 197 7.23 6.69 7.27
N LEU A 198 6.30 7.53 7.69
CA LEU A 198 5.93 8.61 6.80
C LEU A 198 7.05 9.65 6.85
N ASP A 199 8.24 9.29 6.40
CA ASP A 199 9.41 10.09 6.73
C ASP A 199 9.89 10.97 5.59
N GLU A 200 9.94 10.40 4.37
CA GLU A 200 10.37 11.13 3.15
C GLU A 200 9.45 10.99 1.96
N VAL A 201 9.55 11.98 1.06
CA VAL A 201 8.85 11.95 -0.23
C VAL A 201 9.79 12.19 -1.40
N PHE A 202 9.35 11.79 -2.60
CA PHE A 202 10.03 12.11 -3.86
C PHE A 202 9.77 13.56 -4.14
N SER A 203 10.82 14.38 -4.16
CA SER A 203 10.69 15.78 -4.58
C SER A 203 9.90 15.97 -5.89
N ASN A 204 10.16 15.15 -6.91
CA ASN A 204 9.33 15.24 -8.13
C ASN A 204 8.39 14.09 -8.35
N GLY A 205 8.03 13.39 -7.28
CA GLY A 205 7.04 12.32 -7.40
C GLY A 205 7.70 11.00 -7.76
N SER A 206 6.92 9.92 -7.60
CA SER A 206 7.31 8.57 -7.91
C SER A 206 7.72 8.41 -9.39
N ALA A 207 7.13 9.21 -10.26
CA ALA A 207 7.36 9.10 -11.69
C ALA A 207 8.82 9.17 -12.04
N ASP A 208 9.59 9.95 -11.28
CA ASP A 208 11.06 10.03 -11.51
C ASP A 208 11.70 8.66 -11.56
N LEU A 209 11.38 7.87 -10.54
CA LEU A 209 12.00 6.59 -10.38
C LEU A 209 11.38 5.59 -11.33
N VAL A 210 10.11 5.77 -11.63
CA VAL A 210 9.49 4.94 -12.64
C VAL A 210 10.20 5.17 -13.95
N ASP A 211 10.53 6.40 -14.25
CA ASP A 211 11.17 6.65 -15.52
C ASP A 211 12.60 6.15 -15.58
N ALA A 212 13.36 6.34 -14.53
CA ALA A 212 14.72 5.86 -14.52
C ALA A 212 14.77 4.33 -14.74
N MET A 213 13.80 3.61 -14.19
CA MET A 213 13.90 2.20 -14.22
C MET A 213 13.48 1.76 -15.61
N SER A 214 12.39 2.33 -16.12
CA SER A 214 11.91 1.93 -17.44
C SER A 214 12.94 2.25 -18.57
N GLN A 215 13.65 3.38 -18.49
CA GLN A 215 14.79 3.69 -19.39
C GLN A 215 15.62 2.43 -19.69
N GLU A 216 15.76 1.53 -18.71
CA GLU A 216 16.63 0.37 -18.83
C GLU A 216 15.89 -0.92 -19.28
N ILE A 217 14.63 -0.79 -19.63
CA ILE A 217 13.90 -1.93 -20.14
C ILE A 217 13.64 -1.74 -21.64
N PRO A 218 14.30 -2.56 -22.48
CA PRO A 218 14.27 -2.39 -23.92
C PRO A 218 12.98 -2.80 -24.56
N GLU A 219 12.22 -3.71 -23.96
CA GLU A 219 10.95 -4.08 -24.57
C GLU A 219 9.74 -3.97 -23.65
N ILE A 220 8.95 -2.93 -23.86
CA ILE A 220 7.75 -2.68 -23.07
C ILE A 220 6.55 -2.50 -23.98
N ARG A 221 5.46 -3.21 -23.71
CA ARG A 221 4.19 -2.94 -24.37
C ARG A 221 3.11 -2.41 -23.44
N LEU A 222 2.74 -1.15 -23.63
CA LEU A 222 1.57 -0.55 -22.94
C LEU A 222 0.26 -1.03 -23.57
N GLN A 223 -0.85 -0.83 -22.86
CA GLN A 223 -2.21 -1.21 -23.29
C GLN A 223 -2.33 -2.65 -23.65
N THR A 224 -1.50 -3.46 -23.01
CA THR A 224 -1.48 -4.87 -23.30
C THR A 224 -1.95 -5.71 -22.09
N VAL A 225 -3.24 -6.05 -22.08
CA VAL A 225 -3.85 -6.71 -20.96
C VAL A 225 -3.78 -8.21 -21.08
N VAL A 226 -3.19 -8.85 -20.10
CA VAL A 226 -3.07 -10.29 -20.11
C VAL A 226 -4.31 -10.96 -19.58
N THR A 227 -4.74 -12.00 -20.26
CA THR A 227 -6.04 -12.59 -20.03
C THR A 227 -5.91 -14.07 -19.74
N GLY A 228 -4.78 -14.65 -20.15
CA GLY A 228 -4.52 -16.08 -19.91
C GLY A 228 -3.03 -16.32 -19.80
N ILE A 229 -2.62 -17.16 -18.87
CA ILE A 229 -1.23 -17.54 -18.80
C ILE A 229 -1.26 -19.04 -18.74
N ASP A 230 -0.69 -19.64 -19.80
CA ASP A 230 -0.85 -21.06 -20.06
C ASP A 230 0.49 -21.79 -20.16
N GLN A 231 0.75 -22.64 -19.18
CA GLN A 231 2.04 -23.31 -19.09
C GLN A 231 1.90 -24.84 -19.26
N SER A 232 0.78 -25.27 -19.89
CA SER A 232 0.61 -26.71 -20.28
C SER A 232 1.73 -27.23 -21.19
N GLY A 233 2.04 -26.49 -22.26
CA GLY A 233 3.17 -26.75 -23.15
C GLY A 233 4.54 -26.74 -22.50
N ASP A 234 5.58 -26.76 -23.33
CA ASP A 234 6.99 -26.72 -22.90
C ASP A 234 7.45 -25.31 -22.53
N VAL A 235 6.74 -24.32 -23.05
CA VAL A 235 7.06 -22.90 -23.05
C VAL A 235 5.76 -22.12 -22.71
N VAL A 236 5.85 -21.16 -21.77
CA VAL A 236 4.64 -20.55 -21.27
C VAL A 236 4.00 -19.71 -22.38
N ASN A 237 2.68 -19.75 -22.46
CA ASN A 237 1.97 -19.01 -23.47
C ASN A 237 1.04 -17.94 -22.87
N VAL A 238 1.36 -16.69 -23.16
CA VAL A 238 0.68 -15.58 -22.55
C VAL A 238 -0.30 -14.97 -23.55
N THR A 239 -1.58 -14.99 -23.23
CA THR A 239 -2.64 -14.52 -24.10
C THR A 239 -3.11 -13.15 -23.63
N VAL A 240 -3.74 -12.35 -24.52
CA VAL A 240 -3.86 -10.89 -24.40
C VAL A 240 -5.19 -10.33 -24.98
N LYS A 241 -5.76 -9.24 -24.47
CA LYS A 241 -7.12 -8.88 -24.88
C LYS A 241 -7.33 -8.82 -26.44
N ASP A 242 -6.59 -7.95 -27.12
CA ASP A 242 -6.59 -7.92 -28.61
C ASP A 242 -5.20 -8.30 -29.14
N GLY A 243 -4.90 -9.58 -29.33
CA GLY A 243 -3.62 -9.78 -29.99
C GLY A 243 -2.94 -11.11 -29.91
N HIS A 244 -1.92 -11.19 -30.74
CA HIS A 244 -1.16 -12.41 -30.87
C HIS A 244 -0.57 -12.68 -29.51
N ALA A 245 -0.56 -13.94 -29.10
CA ALA A 245 0.13 -14.39 -27.91
C ALA A 245 1.60 -14.13 -27.97
N PHE A 246 2.20 -14.21 -26.80
CA PHE A 246 3.65 -14.11 -26.53
C PHE A 246 4.02 -15.31 -25.73
N GLN A 247 5.28 -15.72 -25.85
CA GLN A 247 5.70 -17.00 -25.29
C GLN A 247 7.05 -16.78 -24.62
N ALA A 248 7.28 -17.52 -23.53
CA ALA A 248 8.48 -17.43 -22.75
C ALA A 248 8.63 -18.64 -21.82
N HIS A 249 9.89 -18.90 -21.45
CA HIS A 249 10.21 -19.97 -20.54
C HIS A 249 9.56 -19.71 -19.17
N SER A 250 9.67 -18.46 -18.70
CA SER A 250 9.19 -17.97 -17.39
C SER A 250 8.18 -16.84 -17.50
N VAL A 251 7.24 -16.82 -16.57
CA VAL A 251 6.36 -15.67 -16.48
C VAL A 251 6.36 -15.14 -15.06
N ILE A 252 6.40 -13.82 -14.94
CA ILE A 252 6.28 -13.19 -13.64
C ILE A 252 5.01 -12.38 -13.67
N VAL A 253 4.10 -12.77 -12.77
CA VAL A 253 2.89 -12.04 -12.50
C VAL A 253 3.22 -10.96 -11.48
N ALA A 254 3.27 -9.72 -11.93
CA ALA A 254 3.56 -8.55 -11.09
C ALA A 254 2.35 -7.61 -11.10
N THR A 255 1.16 -8.20 -11.12
CA THR A 255 -0.09 -7.44 -11.11
C THR A 255 -0.75 -7.50 -9.72
N PRO A 256 -1.72 -6.63 -9.44
CA PRO A 256 -2.27 -6.69 -8.11
C PRO A 256 -2.80 -8.09 -7.89
N MET A 257 -2.94 -8.45 -6.64
CA MET A 257 -3.47 -9.71 -6.22
C MET A 257 -4.95 -9.84 -6.57
N ASN A 258 -5.65 -8.74 -6.51
CA ASN A 258 -7.10 -8.76 -6.64
C ASN A 258 -7.49 -8.82 -8.10
N THR A 259 -6.51 -9.06 -8.95
CA THR A 259 -6.71 -9.05 -10.39
C THR A 259 -6.41 -10.41 -10.96
N TRP A 260 -5.76 -11.24 -10.16
CA TRP A 260 -5.35 -12.54 -10.61
C TRP A 260 -6.55 -13.36 -11.00
N ARG A 261 -7.66 -13.18 -10.31
CA ARG A 261 -8.89 -13.87 -10.66
C ARG A 261 -9.47 -13.49 -12.06
N ARG A 262 -8.96 -12.42 -12.67
CA ARG A 262 -9.33 -12.06 -14.03
C ARG A 262 -8.39 -12.67 -15.08
N ILE A 263 -7.40 -13.47 -14.68
CA ILE A 263 -6.55 -14.14 -15.65
C ILE A 263 -6.91 -15.61 -15.57
N VAL A 264 -6.85 -16.28 -16.72
CA VAL A 264 -7.02 -17.74 -16.80
C VAL A 264 -5.67 -18.41 -16.74
N PHE A 265 -5.50 -19.21 -15.71
CA PHE A 265 -4.29 -19.93 -15.54
C PHE A 265 -4.53 -21.37 -15.95
N THR A 266 -3.51 -21.92 -16.64
CA THR A 266 -3.46 -23.33 -17.10
C THR A 266 -2.06 -23.94 -16.91
N PRO A 267 -1.99 -25.01 -16.09
CA PRO A 267 -3.20 -25.47 -15.39
C PRO A 267 -3.69 -24.44 -14.37
N ALA A 268 -4.91 -24.63 -13.87
CA ALA A 268 -5.40 -23.96 -12.67
C ALA A 268 -4.35 -23.95 -11.54
N LEU A 269 -4.35 -22.88 -10.73
CA LEU A 269 -3.37 -22.62 -9.64
C LEU A 269 -3.51 -23.61 -8.48
N PRO A 270 -2.45 -23.81 -7.64
CA PRO A 270 -2.57 -24.77 -6.53
C PRO A 270 -3.79 -24.47 -5.69
N GLU A 271 -4.45 -25.51 -5.18
CA GLU A 271 -5.86 -25.34 -4.83
C GLU A 271 -6.08 -24.53 -3.54
N ARG A 272 -5.05 -24.51 -2.68
CA ARG A 272 -5.05 -23.66 -1.48
C ARG A 272 -5.24 -22.17 -1.78
N ARG A 273 -4.55 -21.69 -2.80
CA ARG A 273 -4.59 -20.28 -3.11
C ARG A 273 -5.95 -19.77 -3.63
N ARG A 274 -6.83 -20.68 -4.03
CA ARG A 274 -7.90 -20.29 -4.94
C ARG A 274 -9.01 -19.48 -4.33
N SER A 275 -9.38 -19.74 -3.06
CA SER A 275 -10.52 -18.95 -2.53
C SER A 275 -10.11 -17.50 -2.28
N VAL A 276 -8.89 -17.35 -1.77
CA VAL A 276 -8.37 -16.04 -1.48
C VAL A 276 -8.27 -15.23 -2.78
N ILE A 277 -7.74 -15.85 -3.84
CA ILE A 277 -7.66 -15.21 -5.13
C ILE A 277 -9.03 -14.80 -5.62
N GLU A 278 -10.03 -15.62 -5.33
CA GLU A 278 -11.40 -15.26 -5.77
C GLU A 278 -12.01 -14.11 -4.97
N GLU A 279 -12.01 -14.24 -3.65
CA GLU A 279 -12.61 -13.22 -2.82
C GLU A 279 -11.82 -11.94 -2.88
N GLY A 280 -10.50 -12.07 -3.00
CA GLY A 280 -9.63 -10.93 -2.94
C GLY A 280 -9.31 -10.55 -1.52
N HIS A 281 -8.40 -9.62 -1.36
CA HIS A 281 -8.05 -9.11 -0.05
C HIS A 281 -8.99 -8.00 0.36
N GLY A 282 -9.04 -7.71 1.65
CA GLY A 282 -9.99 -6.71 2.15
C GLY A 282 -9.62 -5.22 2.03
N GLY A 283 -8.41 -4.91 1.59
CA GLY A 283 -8.00 -3.51 1.57
C GLY A 283 -9.01 -2.57 0.95
N GLN A 284 -9.40 -1.52 1.68
CA GLN A 284 -10.25 -0.44 1.13
C GLN A 284 -9.77 1.01 1.39
N GLY A 285 -8.47 1.16 1.55
CA GLY A 285 -7.93 2.47 1.88
C GLY A 285 -8.46 3.46 0.90
N LEU A 286 -8.91 4.62 1.38
CA LEU A 286 -9.34 5.71 0.53
C LEU A 286 -8.56 6.92 0.98
N LYS A 287 -7.76 7.46 0.06
CA LYS A 287 -6.93 8.60 0.32
C LYS A 287 -7.54 9.69 -0.50
N ILE A 288 -7.96 10.77 0.13
CA ILE A 288 -8.53 11.92 -0.56
C ILE A 288 -7.69 13.16 -0.42
N LEU A 289 -7.32 13.75 -1.55
CA LEU A 289 -6.73 15.06 -1.56
C LEU A 289 -7.79 16.14 -1.54
N ILE A 290 -7.76 16.98 -0.52
CA ILE A 290 -8.79 17.97 -0.34
C ILE A 290 -8.25 19.35 -0.53
N HIS A 291 -8.84 20.08 -1.47
CA HIS A 291 -8.42 21.43 -1.79
C HIS A 291 -9.17 22.41 -0.89
N VAL A 292 -8.42 23.22 -0.16
CA VAL A 292 -9.03 24.02 0.88
C VAL A 292 -8.58 25.46 0.85
N ARG A 293 -9.48 26.36 1.26
CA ARG A 293 -9.07 27.65 1.75
C ARG A 293 -9.25 27.72 3.29
N GLY A 294 -8.47 28.59 3.93
CA GLY A 294 -8.65 28.86 5.33
C GLY A 294 -7.77 28.05 6.26
N ALA A 295 -7.01 27.11 5.73
CA ALA A 295 -6.10 26.32 6.53
C ALA A 295 -4.72 26.94 6.53
N GLU A 296 -4.11 27.02 7.71
CA GLU A 296 -2.69 27.33 7.78
C GLU A 296 -1.84 26.10 7.57
N ALA A 297 -0.56 26.33 7.32
CA ALA A 297 0.38 25.24 7.21
C ALA A 297 0.58 24.52 8.52
N GLY A 298 0.76 23.19 8.33
CA GLY A 298 1.22 22.37 9.38
C GLY A 298 0.26 21.54 10.17
N ILE A 299 -1.00 21.54 9.75
CA ILE A 299 -2.05 20.95 10.54
C ILE A 299 -2.02 19.44 10.44
N GLU A 300 -2.04 18.80 11.59
CA GLU A 300 -2.29 17.36 11.66
C GLU A 300 -3.49 17.16 12.55
N CYS A 301 -4.43 16.31 12.12
CA CYS A 301 -5.59 15.99 12.91
C CYS A 301 -5.73 14.49 12.89
N VAL A 302 -5.94 13.93 14.07
CA VAL A 302 -6.20 12.52 14.28
C VAL A 302 -7.37 12.50 15.26
N GLY A 303 -8.27 11.55 15.10
CA GLY A 303 -9.42 11.56 15.97
C GLY A 303 -10.49 10.61 15.56
N ASP A 304 -11.69 10.81 16.04
CA ASP A 304 -12.72 9.81 15.85
C ASP A 304 -13.63 10.11 14.65
N GLY A 305 -13.20 11.01 13.77
CA GLY A 305 -14.01 11.41 12.64
C GLY A 305 -14.11 10.32 11.61
N ILE A 306 -15.07 10.44 10.70
CA ILE A 306 -15.15 9.53 9.55
C ILE A 306 -13.80 9.58 8.79
N PHE A 307 -13.05 10.67 8.94
CA PHE A 307 -11.65 10.66 8.53
C PHE A 307 -10.84 10.46 9.81
N PRO A 308 -10.34 9.25 10.07
CA PRO A 308 -9.48 9.12 11.25
C PRO A 308 -8.30 10.09 11.27
N THR A 309 -7.77 10.40 10.11
CA THR A 309 -6.66 11.34 10.04
C THR A 309 -6.90 12.31 8.92
N LEU A 310 -6.52 13.56 9.15
CA LEU A 310 -6.63 14.63 8.17
C LEU A 310 -5.43 15.57 8.38
N TYR A 311 -4.58 15.74 7.39
CA TYR A 311 -3.39 16.58 7.66
C TYR A 311 -2.88 17.25 6.41
N ASP A 312 -1.98 18.23 6.58
CA ASP A 312 -1.40 18.98 5.48
C ASP A 312 -0.83 18.11 4.41
N TYR A 313 -1.07 18.42 3.14
CA TYR A 313 -0.38 17.70 2.03
C TYR A 313 0.55 18.65 1.28
N CYS A 314 0.07 19.77 0.75
CA CYS A 314 0.98 20.87 0.42
C CYS A 314 0.30 22.18 0.16
N GLU A 315 1.16 23.19 0.02
CA GLU A 315 0.79 24.54 -0.28
C GLU A 315 0.33 24.68 -1.72
N VAL A 316 -0.77 25.38 -1.90
CA VAL A 316 -1.25 25.63 -3.22
C VAL A 316 -1.01 27.10 -3.50
N SER A 317 -1.52 27.96 -2.64
CA SER A 317 -1.28 29.39 -2.80
C SER A 317 -0.94 29.87 -1.43
N GLU A 318 -1.05 31.16 -1.21
CA GLU A 318 -0.77 31.71 0.10
C GLU A 318 -2.00 31.59 0.99
N SER A 319 -3.14 31.34 0.37
CA SER A 319 -4.38 31.20 1.09
C SER A 319 -4.97 29.82 0.88
N GLU A 320 -4.36 29.01 0.03
CA GLU A 320 -4.94 27.73 -0.31
C GLU A 320 -3.96 26.59 -0.15
N ARG A 321 -4.46 25.41 0.18
CA ARG A 321 -3.63 24.25 0.37
C ARG A 321 -4.35 22.99 -0.08
N LEU A 322 -3.62 21.89 -0.15
CA LEU A 322 -4.22 20.56 -0.08
C LEU A 322 -3.98 19.89 1.25
N LEU A 323 -5.04 19.37 1.84
CA LEU A 323 -4.93 18.42 2.92
C LEU A 323 -5.07 17.02 2.40
N VAL A 324 -4.73 16.05 3.22
CA VAL A 324 -5.01 14.67 2.90
C VAL A 324 -5.82 13.98 3.98
N ALA A 325 -6.95 13.44 3.58
CA ALA A 325 -7.72 12.56 4.43
C ALA A 325 -7.47 11.11 4.07
N PHE A 326 -7.32 10.27 5.07
CA PHE A 326 -7.57 8.85 4.92
C PHE A 326 -8.85 8.38 5.57
N THR A 327 -9.59 7.59 4.80
CA THR A 327 -10.63 6.73 5.33
C THR A 327 -10.71 5.60 4.33
N ASP A 328 -11.78 4.79 4.52
CA ASP A 328 -12.02 3.64 3.67
C ASP A 328 -13.28 3.72 2.81
N SER A 329 -13.25 3.04 1.67
CA SER A 329 -14.17 3.34 0.54
C SER A 329 -15.58 2.80 0.80
N GLY A 330 -15.66 1.80 1.68
CA GLY A 330 -16.95 1.32 2.06
C GLY A 330 -17.46 1.93 3.33
N SER A 331 -17.15 3.21 3.57
CA SER A 331 -17.52 3.94 4.78
C SER A 331 -17.71 5.40 4.39
N PHE A 332 -17.07 5.83 3.31
CA PHE A 332 -17.22 7.20 2.94
C PHE A 332 -17.43 7.30 1.42
N ASP A 333 -18.21 8.28 0.93
CA ASP A 333 -18.36 8.47 -0.51
C ASP A 333 -17.74 9.77 -0.90
N PRO A 334 -16.57 9.69 -1.53
CA PRO A 334 -15.73 10.85 -1.83
C PRO A 334 -16.38 11.90 -2.78
N THR A 335 -17.42 11.49 -3.50
CA THR A 335 -18.12 12.42 -4.42
C THR A 335 -19.24 13.24 -3.74
N ASP A 336 -19.44 13.01 -2.44
CA ASP A 336 -20.47 13.68 -1.71
C ASP A 336 -19.79 14.86 -1.03
N ILE A 337 -19.51 15.89 -1.80
CA ILE A 337 -18.76 17.02 -1.29
C ILE A 337 -19.28 17.58 0.05
N GLY A 338 -20.54 17.34 0.35
CA GLY A 338 -21.12 17.84 1.60
C GLY A 338 -20.65 16.97 2.76
N ALA A 339 -20.76 15.63 2.58
CA ALA A 339 -20.04 14.66 3.41
C ALA A 339 -18.56 15.11 3.61
N VAL A 340 -17.86 15.53 2.56
CA VAL A 340 -16.47 15.81 2.76
C VAL A 340 -16.41 17.05 3.64
N LYS A 341 -17.26 18.02 3.33
CA LYS A 341 -17.29 19.23 4.16
C LYS A 341 -17.54 18.86 5.63
N ASP A 342 -18.46 17.95 5.90
CA ASP A 342 -18.76 17.66 7.27
C ASP A 342 -17.57 16.99 7.96
N ALA A 343 -17.01 15.98 7.28
CA ALA A 343 -15.84 15.30 7.79
C ALA A 343 -14.73 16.31 8.09
N VAL A 344 -14.51 17.28 7.23
CA VAL A 344 -13.41 18.22 7.45
C VAL A 344 -13.74 19.22 8.57
N LEU A 345 -14.90 19.86 8.46
CA LEU A 345 -15.29 20.85 9.43
C LEU A 345 -15.29 20.26 10.85
N TYR A 346 -15.67 18.98 11.00
CA TYR A 346 -15.57 18.27 12.28
C TYR A 346 -14.29 18.57 12.98
N TYR A 347 -13.15 18.46 12.27
CA TYR A 347 -11.88 18.78 12.87
C TYR A 347 -11.54 20.21 12.69
N LEU A 348 -11.89 20.78 11.53
CA LEU A 348 -11.35 22.13 11.17
C LEU A 348 -12.45 23.12 10.75
N PRO A 349 -13.23 23.57 11.72
CA PRO A 349 -14.44 24.33 11.44
C PRO A 349 -14.26 25.65 10.68
N GLU A 350 -13.03 26.15 10.59
CA GLU A 350 -12.78 27.40 9.91
C GLU A 350 -12.43 27.22 8.47
N VAL A 351 -12.35 25.97 8.03
CA VAL A 351 -11.77 25.64 6.75
C VAL A 351 -12.88 25.37 5.77
N GLU A 352 -12.84 26.09 4.61
CA GLU A 352 -13.68 25.83 3.41
C GLU A 352 -13.04 24.87 2.44
N VAL A 353 -13.81 23.83 2.13
CA VAL A 353 -13.47 22.93 1.05
C VAL A 353 -13.69 23.55 -0.34
N LEU A 354 -12.65 23.62 -1.15
CA LEU A 354 -12.84 24.00 -2.54
C LEU A 354 -13.06 22.82 -3.48
N GLY A 355 -12.46 21.66 -3.26
CA GLY A 355 -12.75 20.51 -4.10
C GLY A 355 -11.94 19.32 -3.59
N ILE A 356 -12.21 18.17 -4.19
CA ILE A 356 -11.54 16.92 -3.87
C ILE A 356 -11.01 16.15 -5.10
N ASP A 357 -10.12 15.21 -4.84
CA ASP A 357 -9.35 14.55 -5.86
C ASP A 357 -8.95 13.21 -5.32
N TYR A 358 -9.30 12.14 -6.03
CA TYR A 358 -8.95 10.82 -5.60
C TYR A 358 -8.85 9.89 -6.79
N HIS A 359 -8.33 8.70 -6.57
CA HIS A 359 -8.51 7.62 -7.52
C HIS A 359 -9.31 6.48 -6.93
N ASP A 360 -10.35 6.09 -7.65
CA ASP A 360 -11.05 4.85 -7.38
C ASP A 360 -10.21 3.65 -7.77
N TRP A 361 -9.28 3.26 -6.91
CA TRP A 361 -8.57 2.01 -7.14
C TRP A 361 -9.44 0.82 -7.28
N ILE A 362 -10.52 0.73 -6.51
CA ILE A 362 -11.41 -0.41 -6.54
C ILE A 362 -12.08 -0.54 -7.93
N ALA A 363 -12.63 0.58 -8.41
CA ALA A 363 -13.36 0.55 -9.68
C ALA A 363 -12.41 0.37 -10.87
N ASP A 364 -11.14 0.72 -10.68
CA ASP A 364 -10.14 0.55 -11.72
C ASP A 364 -9.90 -0.96 -11.99
N PRO A 365 -10.20 -1.42 -13.22
CA PRO A 365 -10.06 -2.86 -13.52
C PRO A 365 -8.61 -3.32 -13.61
N LEU A 366 -7.68 -2.38 -13.65
CA LEU A 366 -6.29 -2.75 -13.56
C LEU A 366 -5.78 -2.98 -12.11
N PHE A 367 -6.68 -2.93 -11.10
CA PHE A 367 -6.28 -2.92 -9.67
C PHE A 367 -7.36 -3.55 -8.78
N GLU A 368 -8.57 -2.99 -8.81
CA GLU A 368 -9.67 -3.54 -8.04
C GLU A 368 -9.34 -3.55 -6.54
N GLY A 369 -8.86 -2.39 -6.05
CA GLY A 369 -8.24 -2.35 -4.71
C GLY A 369 -7.06 -1.38 -4.56
N PRO A 370 -6.90 -0.81 -3.34
CA PRO A 370 -5.72 0.00 -3.11
C PRO A 370 -4.65 -0.96 -2.57
N TRP A 371 -3.90 -0.63 -1.52
CA TRP A 371 -2.87 -1.55 -1.00
C TRP A 371 -3.45 -2.76 -0.24
N VAL A 372 -2.68 -3.83 -0.08
CA VAL A 372 -3.27 -5.05 0.46
C VAL A 372 -3.66 -4.86 1.91
N ALA A 373 -4.79 -5.44 2.32
CA ALA A 373 -5.04 -5.74 3.74
C ALA A 373 -6.00 -6.91 3.76
N PRO A 374 -5.67 -8.00 4.47
CA PRO A 374 -6.51 -9.17 4.39
C PRO A 374 -7.87 -9.00 5.10
N ARG A 375 -8.80 -9.84 4.68
CA ARG A 375 -10.03 -10.05 5.41
C ARG A 375 -9.67 -10.84 6.64
N VAL A 376 -10.48 -10.69 7.67
CA VAL A 376 -10.24 -11.36 8.90
C VAL A 376 -10.26 -12.84 8.53
N GLY A 377 -9.31 -13.62 9.01
CA GLY A 377 -9.39 -15.01 8.70
C GLY A 377 -8.54 -15.41 7.52
N GLN A 378 -8.36 -14.55 6.52
CA GLN A 378 -7.59 -14.96 5.31
C GLN A 378 -6.14 -15.33 5.53
N PHE A 379 -5.33 -14.47 6.14
CA PHE A 379 -3.90 -14.69 6.02
C PHE A 379 -3.35 -15.67 7.01
N SER A 380 -4.14 -16.07 7.99
CA SER A 380 -3.66 -17.19 8.80
C SER A 380 -4.14 -18.56 8.25
N ARG A 381 -4.94 -18.55 7.17
CA ARG A 381 -5.18 -19.75 6.33
C ARG A 381 -4.17 -19.87 5.18
N VAL A 382 -4.06 -18.83 4.36
CA VAL A 382 -3.06 -18.83 3.33
C VAL A 382 -2.39 -17.48 3.12
N HIS A 383 -1.08 -17.46 3.22
CA HIS A 383 -0.38 -16.23 3.03
C HIS A 383 0.97 -16.37 2.32
N LYS A 384 1.88 -17.16 2.85
CA LYS A 384 3.20 -17.22 2.25
C LYS A 384 3.13 -17.74 0.84
N GLU A 385 2.14 -18.55 0.62
CA GLU A 385 2.12 -19.32 -0.57
C GLU A 385 1.61 -18.50 -1.73
N LEU A 386 0.69 -17.58 -1.47
CA LEU A 386 0.23 -16.68 -2.52
C LEU A 386 1.31 -16.03 -3.33
N GLY A 387 2.52 -15.89 -2.77
CA GLY A 387 3.66 -15.41 -3.52
C GLY A 387 4.79 -16.40 -3.79
N GLU A 388 4.49 -17.70 -3.73
CA GLU A 388 5.47 -18.73 -4.11
C GLU A 388 5.22 -19.12 -5.56
N PRO A 389 6.26 -19.59 -6.27
CA PRO A 389 6.13 -20.01 -7.67
C PRO A 389 5.08 -21.11 -7.83
N ALA A 390 4.31 -21.04 -8.91
CA ALA A 390 3.49 -22.19 -9.35
C ALA A 390 3.99 -22.65 -10.70
N GLY A 391 4.80 -23.69 -10.74
CA GLY A 391 5.42 -24.06 -12.00
C GLY A 391 6.34 -22.93 -12.46
N ARG A 392 6.30 -22.60 -13.74
CA ARG A 392 7.26 -21.60 -14.24
C ARG A 392 6.70 -20.20 -14.09
N ILE A 393 5.56 -20.10 -13.39
CA ILE A 393 4.93 -18.80 -13.16
C ILE A 393 5.22 -18.27 -11.76
N HIS A 394 5.87 -17.10 -11.68
CA HIS A 394 6.14 -16.47 -10.38
C HIS A 394 5.14 -15.42 -10.05
N PHE A 395 5.00 -15.18 -8.73
CA PHE A 395 4.08 -14.16 -8.21
C PHE A 395 4.77 -13.20 -7.29
N VAL A 396 4.73 -11.93 -7.65
CA VAL A 396 5.45 -10.90 -6.90
C VAL A 396 4.59 -9.67 -6.63
N GLY A 397 5.16 -8.69 -5.93
CA GLY A 397 4.45 -7.44 -5.63
C GLY A 397 4.13 -7.14 -4.15
N SER A 398 3.98 -5.85 -3.86
CA SER A 398 3.58 -5.44 -2.52
C SER A 398 2.56 -6.36 -1.88
N ASP A 399 1.51 -6.76 -2.62
CA ASP A 399 0.44 -7.47 -1.98
C ASP A 399 0.93 -8.73 -1.25
N VAL A 400 2.03 -9.31 -1.75
CA VAL A 400 2.41 -10.66 -1.33
C VAL A 400 3.71 -10.71 -0.62
N SER A 401 4.24 -9.55 -0.25
CA SER A 401 5.44 -9.45 0.57
C SER A 401 5.18 -9.87 2.00
N LEU A 402 6.10 -10.63 2.57
CA LEU A 402 6.04 -11.00 3.96
C LEU A 402 6.78 -9.98 4.78
N GLU A 403 7.65 -9.24 4.12
CA GLU A 403 8.61 -8.41 4.80
C GLU A 403 8.05 -7.00 4.89
N PHE A 404 7.36 -6.58 3.85
CA PHE A 404 6.80 -5.23 3.79
C PHE A 404 5.59 -5.17 2.86
N PRO A 405 4.42 -5.49 3.40
CA PRO A 405 3.19 -5.52 2.60
C PRO A 405 2.50 -4.16 2.57
N GLY A 406 2.33 -3.61 1.38
CA GLY A 406 1.62 -2.36 1.21
C GLY A 406 2.56 -1.20 0.91
N TYR A 407 3.86 -1.46 1.00
CA TYR A 407 4.86 -0.44 0.72
C TYR A 407 5.68 -0.80 -0.51
N ILE A 408 6.26 0.21 -1.16
CA ILE A 408 7.12 0.00 -2.31
C ILE A 408 8.23 -0.97 -1.97
N GLU A 409 8.82 -0.83 -0.80
CA GLU A 409 9.90 -1.70 -0.43
C GLU A 409 9.46 -3.14 -0.58
N GLY A 410 8.16 -3.38 -0.47
CA GLY A 410 7.71 -4.75 -0.58
C GLY A 410 7.68 -5.16 -2.04
N ALA A 411 7.17 -4.28 -2.91
CA ALA A 411 7.21 -4.53 -4.32
C ALA A 411 8.65 -4.83 -4.72
N LEU A 412 9.64 -4.18 -4.15
CA LEU A 412 10.98 -4.36 -4.64
C LEU A 412 11.62 -5.65 -4.17
N GLU A 413 11.34 -5.99 -2.92
CA GLU A 413 11.82 -7.21 -2.25
C GLU A 413 11.35 -8.49 -2.94
N THR A 414 10.10 -8.53 -3.32
CA THR A 414 9.51 -9.74 -3.87
C THR A 414 10.06 -10.02 -5.26
N ALA A 415 10.72 -9.04 -5.84
CA ALA A 415 11.20 -9.13 -7.19
C ALA A 415 12.65 -9.57 -7.21
N GLU A 416 13.41 -9.09 -6.25
CA GLU A 416 14.69 -9.68 -5.92
C GLU A 416 14.64 -11.19 -5.91
N CYS A 417 13.66 -11.74 -5.19
CA CYS A 417 13.70 -13.15 -4.88
C CYS A 417 13.24 -13.94 -6.08
N ALA A 418 12.41 -13.32 -6.91
CA ALA A 418 11.96 -13.95 -8.13
C ALA A 418 13.03 -13.90 -9.18
N VAL A 419 13.68 -12.76 -9.30
CA VAL A 419 14.79 -12.62 -10.21
C VAL A 419 15.85 -13.65 -9.89
N ASN A 420 16.18 -13.78 -8.61
CA ASN A 420 17.13 -14.78 -8.18
C ASN A 420 16.68 -16.18 -8.49
N ALA A 421 15.41 -16.45 -8.28
CA ALA A 421 14.88 -17.76 -8.55
C ALA A 421 15.15 -18.08 -10.01
N ILE A 422 14.78 -17.17 -10.91
CA ILE A 422 14.90 -17.43 -12.33
C ILE A 422 16.35 -17.61 -12.75
N LEU A 423 17.24 -16.79 -12.21
CA LEU A 423 18.65 -16.86 -12.55
C LEU A 423 19.30 -18.18 -12.21
N HIS A 424 18.68 -18.93 -11.32
CA HIS A 424 19.23 -20.23 -10.97
C HIS A 424 18.56 -21.36 -11.74
N SER A 425 17.32 -21.17 -12.14
CA SER A 425 16.66 -22.09 -13.05
C SER A 425 17.25 -22.07 -14.45
N1 NCA B . -0.83 3.36 3.62
N1 NCA B . 0.36 6.62 2.99
C2 NCA B . -0.87 2.12 4.20
C2 NCA B . 0.45 5.28 3.03
C3 NCA B . 0.07 1.10 3.93
C3 NCA B . -0.07 4.57 4.13
C4 NCA B . 1.10 1.42 3.06
C4 NCA B . -0.67 5.27 5.17
C5 NCA B . 1.14 2.70 2.49
C5 NCA B . -0.75 6.65 5.10
C6 NCA B . 0.16 3.66 2.77
C6 NCA B . -0.22 7.30 3.99
C7 NCA B . -0.06 -0.25 4.63
C7 NCA B . 0.05 3.07 4.19
O7 NCA B . -0.41 -0.16 5.78
O7 NCA B . -0.47 2.39 3.31
N7 NCA B . 0.16 -1.47 4.12
N7 NCA B . 0.73 2.53 5.20
PA FAD C . 1.29 -2.12 -8.90
O1A FAD C . 2.06 -0.86 -8.75
O2A FAD C . -0.12 -1.93 -8.47
O5B FAD C . 1.47 -2.53 -10.43
C5B FAD C . 0.70 -3.54 -11.10
C4B FAD C . 0.69 -3.22 -12.61
O4B FAD C . -0.03 -4.21 -13.27
C3B FAD C . -0.04 -1.94 -12.94
O3B FAD C . 0.82 -1.18 -13.74
C2B FAD C . -1.33 -2.35 -13.67
O2B FAD C . -1.70 -1.42 -14.66
C1B FAD C . -0.83 -3.63 -14.29
N9A FAD C . -1.84 -4.64 -14.64
C8A FAD C . -2.94 -5.02 -13.92
N7A FAD C . -3.56 -6.01 -14.59
C5A FAD C . -2.85 -6.28 -15.71
C6A FAD C . -3.05 -7.22 -16.72
N6A FAD C . -3.86 -8.26 -16.50
N1A FAD C . -2.13 -7.23 -17.74
C2A FAD C . -1.06 -6.38 -17.77
N3A FAD C . -0.88 -5.48 -16.76
C4A FAD C . -1.77 -5.43 -15.75
N1 FAD C . 3.89 2.58 -0.70
C2 FAD C . 4.95 3.13 0.00
O2 FAD C . 6.06 2.58 0.05
N3 FAD C . 4.75 4.35 0.64
C4 FAD C . 3.51 4.99 0.58
O4 FAD C . 3.37 6.06 1.17
C4X FAD C . 2.43 4.43 -0.12
N5 FAD C . 1.17 5.07 -0.19
C5X FAD C . 0.11 4.52 -0.91
C6 FAD C . -1.15 5.16 -1.01
C7 FAD C . -2.20 4.57 -1.75
C7M FAD C . -3.55 5.25 -1.83
C8 FAD C . -1.96 3.32 -2.40
C8M FAD C . -2.99 2.58 -3.21
C9 FAD C . -0.72 2.70 -2.30
C9A FAD C . 0.33 3.29 -1.56
N10 FAD C . 1.59 2.64 -1.48
C10 FAD C . 2.65 3.21 -0.78
C1' FAD C . 1.62 1.15 -1.81
C2' FAD C . 2.46 0.94 -3.05
O2' FAD C . 2.49 2.14 -3.83
C3' FAD C . 1.97 -0.21 -3.92
O3' FAD C . 1.56 -1.30 -3.09
C4' FAD C . 3.10 -0.65 -4.87
O4' FAD C . 3.49 0.35 -5.82
C5' FAD C . 2.72 -1.97 -5.50
O5' FAD C . 3.40 -2.10 -6.71
P FAD C . 3.34 -3.47 -7.52
O1P FAD C . 4.52 -3.35 -8.45
O2P FAD C . 3.41 -4.59 -6.50
O3P FAD C . 1.87 -3.46 -8.19
P GP7 D . 10.46 16.52 21.19
C1 GP7 D . 8.47 15.51 22.50
C2 GP7 D . 7.86 14.45 21.58
O2 GP7 D . 7.42 14.97 20.29
C3 GP7 D . 6.77 13.71 22.41
O3 GP7 D . 7.18 12.33 22.49
C11 GP7 D . 7.50 11.78 23.80
O11 GP7 D . 7.13 12.50 24.74
C12 GP7 D . 8.19 10.63 24.01
C13 GP7 D . 7.14 9.55 24.13
C14 GP7 D . 7.71 8.22 24.50
C15 GP7 D . 6.65 7.17 24.34
C16 GP7 D . 7.19 5.70 24.02
C17 GP7 D . 5.98 4.93 23.29
C18 GP7 D . 5.64 3.42 23.84
C19 GP7 D . 4.27 3.28 23.27
O1P GP7 D . 9.24 17.25 20.65
C20 GP7 D . 3.85 3.96 21.78
C21 GP7 D . 2.34 4.37 21.88
C22 GP7 D . 1.39 3.20 21.50
C23 GP7 D . 0.11 3.92 20.97
C24 GP7 D . -1.19 3.51 21.69
C25 GP7 D . -1.07 2.18 22.46
O2P GP7 D . 11.49 17.42 21.85
C31 GP7 D . 7.21 13.91 19.27
O31 GP7 D . 7.81 13.99 18.20
C32 GP7 D . 6.26 12.72 19.56
C33 GP7 D . 6.77 11.30 19.15
C34 GP7 D . 6.11 10.93 17.74
C35 GP7 D . 5.09 9.76 17.64
C36 GP7 D . 3.85 9.92 16.79
C37 GP7 D . 3.01 8.65 16.29
C38 GP7 D . 2.36 7.64 17.27
C39 GP7 D . 1.75 6.48 16.59
O3P GP7 D . 9.87 15.56 22.34
C40 GP7 D . 1.33 5.29 17.70
C41 GP7 D . 0.19 4.40 17.25
C42 GP7 D . 0.00 3.89 15.67
C43 GP7 D . -0.82 2.62 15.52
C44 GP7 D . -0.29 1.65 14.32
C45 GP7 D . -1.42 0.88 13.60
C46 GP7 D . -0.70 -0.23 12.76
O4P GP7 D . 11.04 15.54 20.20
#